data_7WWQ
#
_entry.id   7WWQ
#
_cell.length_a   152.958
_cell.length_b   165.424
_cell.length_c   192.877
_cell.angle_alpha   90.000
_cell.angle_beta   90.000
_cell.angle_gamma   90.000
#
_symmetry.space_group_name_H-M   'F 2 2 2'
#
loop_
_entity.id
_entity.type
_entity.pdbx_description
1 polymer 'Nuclear protein localization protein 4 homolog'
2 polymer 'Ubiquitin recognition factor in ER-associated degradation protein 1'
3 water water
#
loop_
_entity_poly.entity_id
_entity_poly.type
_entity_poly.pdbx_seq_one_letter_code
_entity_poly.pdbx_strand_id
1 'polypeptide(L)'
;GFKVFGAPNVVEDEIDQYLSKQDGKIYRSRDPQLCRHGPLGKCVHCVPLEPFDEDYLNHLEPPVKHMSFHAYIRKLTGGA
DKGKFVALENISCKIKSGCEGHLPWPNGICTKCQPSAITLNRQKYRHVDNIMFENHTVADRFLDFWRKTGNQHFGYLYGR
YTEHKDIPLGIRAEVAAIYEPPQIGTQNSLELLEDPKAEVVDEIAAKLGLRKVGWIFTDLVSEDTRKGTVRYSRNKDTYF
LSSEECITAGDFQNKHPNMCRLSPDGHFGSKFVTAVATGGPDNQVHFEGYQVSNQCMALVRDECLLPCKDAPELGYAKES
SSEQYVPDVFYKDVDKFGNEITQLARPLPVEYLIIDITTTFPKDPVYTFSISQNPFPIENRDVLGETQDFHSLATYLSQN
TSSVFLDTISDFHLLLFLVTNEVMPLQDSISLLLEAVRTRNEELAQTWKRSEQWATIEQLCSTVG
;
A
2 'polypeptide(L)' IPNYEFKLGKITFIRN B
#
# COMPACT_ATOMS: atom_id res chain seq x y z
N GLU A 12 -13.52 11.93 12.43
CA GLU A 12 -13.10 11.95 11.02
C GLU A 12 -11.59 12.18 10.98
N ASP A 13 -10.95 11.71 9.90
CA ASP A 13 -9.52 11.88 9.81
C ASP A 13 -9.14 13.36 9.69
N GLU A 14 -7.91 13.68 10.10
CA GLU A 14 -7.40 15.05 10.07
C GLU A 14 -7.57 15.68 8.69
N ILE A 15 -7.30 14.92 7.63
CA ILE A 15 -7.47 15.47 6.28
C ILE A 15 -8.95 15.74 6.01
N ASP A 16 -9.84 14.92 6.57
CA ASP A 16 -11.26 15.07 6.26
C ASP A 16 -11.85 16.28 6.97
N GLN A 17 -11.48 16.50 8.24
CA GLN A 17 -11.90 17.70 8.95
C GLN A 17 -11.46 18.96 8.23
N TYR A 18 -10.45 18.87 7.37
CA TYR A 18 -9.87 20.01 6.67
C TYR A 18 -10.49 20.18 5.29
N LEU A 19 -10.75 19.08 4.59
CA LEU A 19 -11.31 19.16 3.25
C LEU A 19 -12.76 19.61 3.30
N SER A 20 -13.44 19.35 4.41
CA SER A 20 -14.80 19.85 4.59
C SER A 20 -14.84 21.37 4.71
N LYS A 21 -13.70 22.01 5.02
CA LYS A 21 -13.64 23.43 5.33
C LYS A 21 -13.01 24.26 4.21
N GLN A 22 -12.87 23.69 3.01
CA GLN A 22 -12.06 24.30 1.95
C GLN A 22 -12.87 24.40 0.67
N ASP A 23 -12.78 25.54 -0.01
CA ASP A 23 -13.51 25.69 -1.27
C ASP A 23 -12.77 24.95 -2.38
N GLY A 24 -13.55 24.40 -3.32
CA GLY A 24 -12.98 23.57 -4.36
C GLY A 24 -13.41 23.94 -5.76
N LYS A 25 -13.43 25.23 -6.07
CA LYS A 25 -13.78 25.66 -7.41
C LYS A 25 -12.63 26.45 -8.02
N ILE A 26 -12.91 27.29 -9.02
CA ILE A 26 -11.89 28.10 -9.64
C ILE A 26 -12.40 29.53 -9.79
N ASP A 53 -21.03 22.10 -12.05
CA ASP A 53 -21.70 20.89 -11.61
C ASP A 53 -22.14 20.06 -12.80
N GLU A 54 -21.85 20.57 -14.00
CA GLU A 54 -22.13 19.87 -15.26
C GLU A 54 -20.86 19.56 -16.03
N ASP A 55 -20.06 20.58 -16.34
CA ASP A 55 -18.78 20.41 -17.02
C ASP A 55 -17.61 20.46 -16.05
N TYR A 56 -17.83 20.12 -14.78
CA TYR A 56 -16.76 20.15 -13.79
C TYR A 56 -15.66 19.15 -14.14
N LEU A 57 -16.04 17.95 -14.56
CA LEU A 57 -15.12 16.82 -14.71
C LEU A 57 -14.02 17.05 -15.74
N ASN A 58 -14.08 18.12 -16.52
CA ASN A 58 -13.19 18.30 -17.66
C ASN A 58 -12.64 19.72 -17.71
N HIS A 59 -12.07 20.18 -16.60
CA HIS A 59 -11.42 21.48 -16.57
C HIS A 59 -10.11 21.40 -15.79
N LEU A 60 -10.18 20.98 -14.52
CA LEU A 60 -8.99 20.64 -13.76
C LEU A 60 -8.44 19.33 -14.31
N GLU A 61 -7.85 19.44 -15.50
CA GLU A 61 -7.20 18.34 -16.20
C GLU A 61 -5.69 18.43 -15.98
N PRO A 62 -4.92 17.35 -16.30
CA PRO A 62 -5.03 16.08 -17.05
C PRO A 62 -6.31 15.25 -16.87
N PRO A 63 -6.61 14.38 -17.86
CA PRO A 63 -7.83 13.55 -17.79
C PRO A 63 -7.92 12.69 -16.53
N VAL A 64 -8.86 13.05 -15.66
CA VAL A 64 -9.13 12.34 -14.40
C VAL A 64 -10.23 11.32 -14.64
N LYS A 65 -10.06 10.14 -14.05
CA LYS A 65 -10.92 9.00 -14.31
C LYS A 65 -12.09 8.93 -13.33
N HIS A 66 -11.91 9.49 -12.14
CA HIS A 66 -12.86 9.44 -11.06
C HIS A 66 -12.78 10.75 -10.31
N MET A 67 -13.95 11.27 -9.91
CA MET A 67 -14.08 12.40 -9.01
C MET A 67 -13.49 12.06 -7.64
N SER A 68 -12.98 13.06 -6.93
CA SER A 68 -12.53 12.81 -5.57
C SER A 68 -13.74 12.64 -4.65
N PHE A 69 -13.54 11.94 -3.53
CA PHE A 69 -14.68 11.57 -2.69
C PHE A 69 -15.42 12.81 -2.18
N HIS A 70 -14.68 13.83 -1.73
CA HIS A 70 -15.32 15.05 -1.25
C HIS A 70 -16.01 15.82 -2.38
N ALA A 71 -15.41 15.85 -3.57
CA ALA A 71 -16.02 16.62 -4.66
C ALA A 71 -17.31 15.96 -5.14
N TYR A 72 -17.29 14.65 -5.33
CA TYR A 72 -18.54 13.95 -5.64
C TYR A 72 -19.57 14.14 -4.53
N ILE A 73 -19.11 14.29 -3.28
CA ILE A 73 -19.99 14.69 -2.19
C ILE A 73 -20.57 16.07 -2.45
N ARG A 74 -19.72 17.04 -2.80
CA ARG A 74 -20.18 18.40 -3.03
C ARG A 74 -20.89 18.53 -4.38
N LYS A 75 -20.51 17.72 -5.37
CA LYS A 75 -21.26 17.68 -6.61
C LYS A 75 -22.67 17.14 -6.41
N LEU A 76 -23.03 16.75 -5.19
CA LEU A 76 -24.40 16.40 -4.84
C LEU A 76 -25.08 17.42 -3.95
N THR A 77 -24.35 18.39 -3.39
CA THR A 77 -24.98 19.48 -2.64
C THR A 77 -25.01 20.77 -3.46
N GLY A 78 -25.53 20.72 -4.69
CA GLY A 78 -25.59 21.89 -5.55
C GLY A 78 -24.24 22.49 -5.90
N ILE A 91 -25.86 -0.32 1.49
CA ILE A 91 -24.58 -0.74 0.93
C ILE A 91 -24.22 -2.15 1.42
N SER A 92 -25.23 -2.99 1.62
CA SER A 92 -25.05 -4.34 2.13
C SER A 92 -25.69 -5.36 1.19
N CYS A 93 -25.62 -6.62 1.58
CA CYS A 93 -26.25 -7.73 0.85
C CYS A 93 -27.19 -8.47 1.79
N ILE A 118 -28.58 -4.61 -6.00
CA ILE A 118 -28.79 -4.83 -7.43
C ILE A 118 -27.47 -5.12 -8.19
N THR A 119 -27.06 -4.15 -9.02
CA THR A 119 -26.23 -4.39 -10.20
C THR A 119 -24.96 -3.55 -10.13
N LEU A 120 -23.98 -3.92 -10.95
CA LEU A 120 -22.60 -3.43 -10.79
C LEU A 120 -22.29 -2.34 -11.80
N ASN A 121 -22.20 -1.11 -11.33
CA ASN A 121 -21.83 0.03 -12.15
C ASN A 121 -20.45 0.54 -11.74
N ARG A 122 -19.71 1.05 -12.72
CA ARG A 122 -18.38 1.58 -12.46
C ARG A 122 -18.48 2.83 -11.60
N GLN A 123 -17.69 2.86 -10.53
CA GLN A 123 -17.80 3.93 -9.53
C GLN A 123 -17.19 5.22 -10.08
N LYS A 124 -17.90 6.34 -9.86
CA LYS A 124 -17.49 7.64 -10.38
C LYS A 124 -16.64 8.45 -9.40
N TYR A 125 -16.40 7.94 -8.19
CA TYR A 125 -15.60 8.65 -7.20
C TYR A 125 -14.46 7.76 -6.69
N ARG A 126 -13.49 8.42 -6.05
CA ARG A 126 -12.28 7.81 -5.51
C ARG A 126 -12.09 8.28 -4.08
N HIS A 127 -11.78 7.34 -3.19
CA HIS A 127 -11.48 7.78 -1.83
C HIS A 127 -10.10 8.40 -1.76
N VAL A 128 -9.17 7.86 -2.57
CA VAL A 128 -7.80 8.34 -2.66
C VAL A 128 -7.54 8.66 -4.14
N ASP A 129 -6.95 9.82 -4.40
CA ASP A 129 -6.70 10.22 -5.78
C ASP A 129 -5.25 10.05 -6.22
N ASN A 130 -4.30 10.05 -5.29
CA ASN A 130 -2.90 9.95 -5.65
C ASN A 130 -2.16 9.17 -4.56
N ILE A 131 -1.33 8.21 -4.98
CA ILE A 131 -0.39 7.54 -4.10
C ILE A 131 0.98 8.14 -4.37
N MET A 132 1.67 8.59 -3.35
CA MET A 132 2.97 9.23 -3.55
C MET A 132 4.02 8.61 -2.65
N PHE A 133 5.03 8.02 -3.27
CA PHE A 133 6.18 7.54 -2.51
C PHE A 133 7.03 8.74 -2.14
N GLU A 134 7.56 8.74 -0.91
CA GLU A 134 8.29 9.92 -0.48
C GLU A 134 9.54 10.16 -1.32
N ASN A 135 10.24 9.08 -1.69
CA ASN A 135 11.42 9.18 -2.54
C ASN A 135 11.59 7.84 -3.23
N HIS A 136 12.43 7.81 -4.26
CA HIS A 136 12.59 6.58 -5.02
C HIS A 136 13.16 5.45 -4.16
N THR A 137 13.92 5.80 -3.12
CA THR A 137 14.62 4.78 -2.35
C THR A 137 13.63 3.89 -1.59
N VAL A 138 12.57 4.48 -1.02
CA VAL A 138 11.58 3.67 -0.33
C VAL A 138 11.08 2.55 -1.24
N ALA A 139 10.86 2.86 -2.53
CA ALA A 139 10.36 1.84 -3.46
C ALA A 139 11.49 0.97 -3.97
N ASP A 140 12.67 1.54 -4.22
CA ASP A 140 13.79 0.73 -4.67
C ASP A 140 14.09 -0.40 -3.71
N ARG A 141 14.27 -0.08 -2.43
CA ARG A 141 14.71 -1.09 -1.49
C ARG A 141 13.67 -2.19 -1.31
N PHE A 142 12.38 -1.84 -1.30
CA PHE A 142 11.36 -2.86 -1.35
C PHE A 142 11.59 -3.85 -2.50
N LEU A 143 11.97 -3.35 -3.68
CA LEU A 143 12.09 -4.19 -4.87
C LEU A 143 13.34 -5.07 -4.87
N ASP A 144 14.34 -4.79 -4.02
CA ASP A 144 15.51 -5.65 -4.01
C ASP A 144 15.14 -7.08 -3.64
N PHE A 145 14.08 -7.27 -2.84
CA PHE A 145 13.70 -8.64 -2.51
C PHE A 145 13.45 -9.43 -3.80
N TRP A 146 12.66 -8.88 -4.71
CA TRP A 146 12.38 -9.62 -5.94
C TRP A 146 13.61 -9.74 -6.82
N ARG A 147 14.43 -8.68 -6.91
CA ARG A 147 15.64 -8.80 -7.72
C ARG A 147 16.52 -9.93 -7.23
N LYS A 148 16.72 -10.02 -5.92
CA LYS A 148 17.68 -10.98 -5.39
C LYS A 148 17.17 -12.40 -5.47
N THR A 149 15.85 -12.59 -5.60
CA THR A 149 15.26 -13.92 -5.48
C THR A 149 14.37 -14.33 -6.64
N GLY A 150 13.82 -13.40 -7.40
CA GLY A 150 12.82 -13.79 -8.37
C GLY A 150 11.49 -14.20 -7.76
N ASN A 151 11.30 -14.00 -6.47
CA ASN A 151 10.08 -14.38 -5.80
C ASN A 151 9.18 -13.16 -5.63
N GLN A 152 7.87 -13.35 -5.77
CA GLN A 152 7.01 -12.20 -5.51
C GLN A 152 7.06 -11.85 -4.02
N HIS A 153 6.88 -10.57 -3.74
CA HIS A 153 7.00 -10.03 -2.40
C HIS A 153 5.92 -8.99 -2.22
N PHE A 154 5.55 -8.75 -0.96
CA PHE A 154 4.54 -7.78 -0.63
C PHE A 154 4.93 -7.09 0.66
N GLY A 155 4.27 -5.97 0.91
CA GLY A 155 4.59 -5.16 2.07
C GLY A 155 3.37 -4.30 2.35
N TYR A 156 3.39 -3.65 3.52
CA TYR A 156 2.37 -2.69 3.89
C TYR A 156 2.94 -1.30 3.75
N LEU A 157 2.12 -0.40 3.22
CA LEU A 157 2.53 0.98 3.05
C LEU A 157 2.24 1.74 4.34
N TYR A 158 3.27 2.23 5.01
CA TYR A 158 3.06 3.05 6.19
C TYR A 158 3.30 4.50 5.85
N GLY A 159 2.41 5.36 6.34
CA GLY A 159 2.43 6.77 6.02
C GLY A 159 1.21 7.54 6.51
N ARG A 160 0.70 8.45 5.69
CA ARG A 160 -0.21 9.48 6.14
C ARG A 160 -1.02 9.99 4.96
N TYR A 161 -2.11 10.67 5.25
CA TYR A 161 -3.01 11.18 4.23
C TYR A 161 -2.98 12.70 4.23
N THR A 162 -2.88 13.29 3.05
CA THR A 162 -2.64 14.72 2.93
C THR A 162 -3.46 15.23 1.74
N GLU A 163 -3.42 16.54 1.48
CA GLU A 163 -4.15 17.04 0.31
C GLU A 163 -3.33 16.87 -0.96
N HIS A 164 -4.02 16.45 -2.03
CA HIS A 164 -3.49 16.37 -3.39
C HIS A 164 -3.84 17.69 -4.09
N LYS A 165 -2.92 18.65 -4.03
CA LYS A 165 -3.23 20.02 -4.46
C LYS A 165 -3.40 20.18 -5.98
N ASP A 166 -3.09 19.16 -6.78
CA ASP A 166 -3.38 19.22 -8.20
C ASP A 166 -4.87 19.05 -8.49
N ILE A 167 -5.60 18.42 -7.58
CA ILE A 167 -7.00 18.08 -7.76
C ILE A 167 -7.78 18.71 -6.62
N PRO A 168 -8.80 19.53 -6.87
CA PRO A 168 -9.56 20.10 -5.76
C PRO A 168 -10.21 19.02 -4.90
N LEU A 169 -10.08 19.18 -3.58
CA LEU A 169 -10.59 18.24 -2.58
C LEU A 169 -10.00 16.83 -2.75
N GLY A 170 -8.86 16.72 -3.42
CA GLY A 170 -8.22 15.43 -3.64
C GLY A 170 -7.46 14.94 -2.41
N ILE A 171 -7.52 13.63 -2.21
CA ILE A 171 -6.83 12.97 -1.10
C ILE A 171 -5.57 12.31 -1.62
N ARG A 172 -4.44 12.58 -0.96
CA ARG A 172 -3.17 11.96 -1.29
C ARG A 172 -2.75 10.96 -0.21
N ALA A 173 -2.13 9.86 -0.63
CA ALA A 173 -1.54 8.88 0.28
C ALA A 173 -0.03 8.96 0.16
N GLU A 174 0.61 9.55 1.16
CA GLU A 174 2.07 9.57 1.24
C GLU A 174 2.57 8.27 1.85
N VAL A 175 3.57 7.67 1.22
CA VAL A 175 4.17 6.41 1.69
C VAL A 175 5.56 6.72 2.25
N ALA A 176 5.70 6.71 3.56
CA ALA A 176 6.98 7.00 4.18
C ALA A 176 7.88 5.76 4.32
N ALA A 177 7.30 4.57 4.38
CA ALA A 177 8.03 3.34 4.64
C ALA A 177 7.19 2.17 4.13
N ILE A 178 7.86 1.12 3.69
CA ILE A 178 7.21 -0.15 3.33
C ILE A 178 7.67 -1.20 4.33
N TYR A 179 6.72 -1.79 5.03
CA TYR A 179 7.02 -2.81 6.04
C TYR A 179 6.78 -4.19 5.44
N GLU A 180 7.80 -5.06 5.54
CA GLU A 180 7.72 -6.37 4.91
C GLU A 180 7.42 -7.47 5.92
N PRO A 181 6.19 -7.95 6.01
CA PRO A 181 5.81 -8.84 7.10
C PRO A 181 6.08 -10.29 6.73
N PRO A 182 5.88 -11.22 7.66
CA PRO A 182 5.97 -12.65 7.34
C PRO A 182 5.13 -13.05 6.13
N GLN A 183 5.76 -13.78 5.22
CA GLN A 183 5.06 -14.23 4.02
C GLN A 183 5.84 -15.37 3.36
N ILE A 184 5.22 -15.97 2.36
CA ILE A 184 5.85 -16.96 1.49
C ILE A 184 5.67 -16.48 0.05
N GLY A 185 6.77 -16.12 -0.59
CA GLY A 185 6.77 -15.69 -1.98
C GLY A 185 7.33 -16.79 -2.89
N THR A 186 6.59 -17.07 -3.94
CA THR A 186 6.99 -17.99 -4.98
C THR A 186 7.06 -17.17 -6.28
N GLN A 187 7.60 -17.75 -7.36
CA GLN A 187 7.62 -16.99 -8.62
C GLN A 187 6.22 -16.61 -9.06
N ASN A 188 5.24 -17.49 -8.83
CA ASN A 188 3.86 -17.26 -9.27
C ASN A 188 2.88 -17.27 -8.11
N SER A 189 3.30 -16.92 -6.91
CA SER A 189 2.34 -17.05 -5.81
C SER A 189 2.84 -16.26 -4.62
N LEU A 190 1.92 -16.02 -3.70
CA LEU A 190 2.14 -15.14 -2.57
C LEU A 190 1.18 -15.57 -1.47
N GLU A 191 1.69 -15.78 -0.27
CA GLU A 191 0.86 -16.18 0.84
C GLU A 191 1.11 -15.20 1.97
N LEU A 192 0.04 -14.75 2.61
CA LEU A 192 0.11 -13.72 3.64
C LEU A 192 0.01 -14.45 4.98
N LEU A 193 1.17 -14.72 5.60
CA LEU A 193 1.15 -15.36 6.90
C LEU A 193 0.69 -14.38 7.97
N GLU A 194 0.31 -14.94 9.12
CA GLU A 194 -0.06 -14.13 10.27
C GLU A 194 1.18 -13.50 10.88
N ASP A 195 1.11 -12.19 11.17
CA ASP A 195 2.28 -11.50 11.67
C ASP A 195 2.19 -11.36 13.19
N PRO A 196 3.00 -12.08 13.96
CA PRO A 196 2.94 -11.94 15.42
C PRO A 196 3.29 -10.54 15.92
N LYS A 197 3.94 -9.71 15.11
CA LYS A 197 4.27 -8.34 15.47
C LYS A 197 3.31 -7.30 14.87
N ALA A 198 2.26 -7.73 14.16
CA ALA A 198 1.40 -6.81 13.43
C ALA A 198 0.95 -5.64 14.30
N GLU A 199 0.49 -5.94 15.51
CA GLU A 199 -0.09 -4.95 16.39
C GLU A 199 0.95 -3.94 16.85
N VAL A 200 2.03 -4.43 17.46
CA VAL A 200 3.11 -3.56 17.94
C VAL A 200 3.73 -2.70 16.83
N VAL A 201 3.63 -3.11 15.57
CA VAL A 201 4.26 -2.33 14.53
C VAL A 201 3.41 -1.11 14.23
N ASP A 202 2.09 -1.30 14.18
CA ASP A 202 1.15 -0.19 14.16
C ASP A 202 1.39 0.75 15.34
N GLU A 203 1.66 0.19 16.52
CA GLU A 203 1.90 1.03 17.69
C GLU A 203 3.12 1.92 17.50
N ILE A 204 4.24 1.33 17.05
CA ILE A 204 5.41 2.12 16.68
C ILE A 204 5.06 3.11 15.56
N ALA A 205 4.36 2.63 14.53
CA ALA A 205 4.05 3.49 13.41
C ALA A 205 3.13 4.65 13.83
N ALA A 206 2.12 4.38 14.65
CA ALA A 206 1.32 5.50 15.11
C ALA A 206 2.20 6.56 15.76
N LYS A 207 3.13 6.14 16.62
CA LYS A 207 3.90 7.15 17.34
C LYS A 207 4.89 7.89 16.46
N LEU A 208 5.15 7.40 15.25
CA LEU A 208 5.95 8.10 14.25
C LEU A 208 5.08 8.96 13.31
N GLY A 209 3.83 9.23 13.69
CA GLY A 209 2.90 9.93 12.83
C GLY A 209 2.39 9.13 11.65
N LEU A 210 2.49 7.81 11.68
CA LEU A 210 2.17 6.96 10.53
C LEU A 210 1.06 5.98 10.84
N ARG A 211 0.41 5.53 9.76
CA ARG A 211 -0.59 4.49 9.80
C ARG A 211 -0.49 3.73 8.47
N LYS A 212 -1.03 2.53 8.44
CA LYS A 212 -1.15 1.82 7.17
C LYS A 212 -2.05 2.62 6.23
N VAL A 213 -1.52 2.99 5.06
CA VAL A 213 -2.35 3.62 4.02
C VAL A 213 -2.72 2.63 2.92
N GLY A 214 -2.07 1.46 2.88
CA GLY A 214 -2.38 0.45 1.89
C GLY A 214 -1.35 -0.66 1.91
N TRP A 215 -1.41 -1.49 0.88
CA TRP A 215 -0.48 -2.59 0.72
C TRP A 215 0.09 -2.55 -0.68
N ILE A 216 1.28 -3.11 -0.83
CA ILE A 216 1.91 -3.22 -2.14
C ILE A 216 2.39 -4.66 -2.34
N PHE A 217 2.21 -5.16 -3.56
CA PHE A 217 2.71 -6.46 -3.92
C PHE A 217 3.37 -6.36 -5.29
N THR A 218 4.08 -7.42 -5.65
CA THR A 218 5.01 -7.43 -6.75
C THR A 218 4.55 -8.49 -7.74
N ASP A 219 4.71 -8.25 -9.03
CA ASP A 219 4.41 -9.27 -10.04
C ASP A 219 5.39 -9.12 -11.21
N LEU A 220 6.67 -9.28 -10.91
CA LEU A 220 7.73 -9.08 -11.87
C LEU A 220 8.23 -10.42 -12.38
N VAL A 221 8.34 -10.55 -13.70
CA VAL A 221 8.90 -11.71 -14.37
C VAL A 221 9.86 -11.21 -15.44
N SER A 222 11.10 -11.68 -15.37
CA SER A 222 12.09 -11.28 -16.37
C SER A 222 11.61 -11.58 -17.77
N GLU A 223 12.00 -10.70 -18.69
CA GLU A 223 11.79 -10.93 -20.11
C GLU A 223 13.13 -11.06 -20.84
N ASP A 224 13.91 -10.00 -20.91
CA ASP A 224 15.21 -10.02 -21.55
C ASP A 224 16.28 -10.00 -20.48
N THR A 225 16.93 -11.14 -20.28
CA THR A 225 17.97 -11.24 -19.26
C THR A 225 19.31 -10.63 -19.71
N ARG A 226 19.41 -10.12 -20.95
CA ARG A 226 20.54 -9.29 -21.32
C ARG A 226 20.26 -7.81 -21.08
N LYS A 227 19.06 -7.35 -21.47
CA LYS A 227 18.62 -5.98 -21.19
C LYS A 227 18.36 -5.76 -19.70
N GLY A 228 17.89 -6.80 -19.00
CA GLY A 228 17.48 -6.62 -17.63
C GLY A 228 16.08 -6.09 -17.47
N THR A 229 15.16 -6.49 -18.35
CA THR A 229 13.81 -5.98 -18.45
C THR A 229 12.82 -7.03 -17.96
N VAL A 230 11.54 -6.65 -17.96
CA VAL A 230 10.48 -7.43 -17.33
C VAL A 230 9.23 -7.43 -18.20
N ARG A 231 8.44 -8.49 -18.08
CA ARG A 231 7.27 -8.65 -18.93
C ARG A 231 6.26 -7.54 -18.69
N TYR A 232 5.69 -7.00 -19.78
CA TYR A 232 4.52 -6.12 -19.71
C TYR A 232 3.29 -7.02 -19.82
N SER A 233 2.95 -7.65 -18.68
CA SER A 233 1.90 -8.65 -18.63
C SER A 233 0.56 -8.12 -18.13
N ARG A 234 0.55 -6.95 -17.49
CA ARG A 234 -0.65 -6.33 -16.92
C ARG A 234 -0.95 -5.10 -17.76
N ASN A 235 -1.87 -5.23 -18.71
CA ASN A 235 -2.06 -4.20 -19.73
C ASN A 235 -3.52 -4.22 -20.21
N LYS A 236 -3.78 -3.54 -21.33
CA LYS A 236 -5.17 -3.33 -21.75
C LYS A 236 -5.81 -4.62 -22.27
N ASP A 237 -5.01 -5.54 -22.83
CA ASP A 237 -5.52 -6.77 -23.41
C ASP A 237 -5.62 -7.91 -22.41
N THR A 238 -5.20 -7.68 -21.16
CA THR A 238 -5.21 -8.72 -20.14
C THR A 238 -6.00 -8.22 -18.93
N TYR A 239 -5.28 -7.87 -17.86
CA TYR A 239 -5.89 -7.31 -16.66
C TYR A 239 -4.91 -6.35 -16.02
N PHE A 240 -5.42 -5.50 -15.15
CA PHE A 240 -4.57 -4.71 -14.28
C PHE A 240 -4.51 -5.27 -12.87
N LEU A 241 -5.64 -5.80 -12.38
CA LEU A 241 -5.75 -6.50 -11.11
C LEU A 241 -6.46 -7.83 -11.34
N SER A 242 -5.89 -8.92 -10.84
CA SER A 242 -6.62 -10.17 -10.90
C SER A 242 -7.87 -10.10 -10.01
N SER A 243 -8.81 -11.02 -10.27
CA SER A 243 -9.97 -11.14 -9.38
C SER A 243 -9.54 -11.55 -7.97
N GLU A 244 -8.47 -12.35 -7.87
CA GLU A 244 -7.97 -12.74 -6.54
C GLU A 244 -7.46 -11.53 -5.78
N GLU A 245 -6.81 -10.61 -6.48
CA GLU A 245 -6.31 -9.40 -5.86
C GLU A 245 -7.42 -8.39 -5.61
N CYS A 246 -8.49 -8.43 -6.42
CA CYS A 246 -9.65 -7.60 -6.12
C CYS A 246 -10.31 -8.01 -4.82
N ILE A 247 -10.58 -9.31 -4.66
CA ILE A 247 -11.14 -9.82 -3.42
C ILE A 247 -10.22 -9.50 -2.24
N THR A 248 -8.89 -9.70 -2.40
CA THR A 248 -7.95 -9.34 -1.34
C THR A 248 -7.98 -7.84 -1.08
N ALA A 249 -7.96 -7.03 -2.14
CA ALA A 249 -7.99 -5.58 -1.95
C ALA A 249 -9.23 -5.16 -1.15
N GLY A 250 -10.41 -5.66 -1.53
CA GLY A 250 -11.61 -5.22 -0.86
C GLY A 250 -11.64 -5.66 0.59
N ASP A 251 -11.24 -6.90 0.84
CA ASP A 251 -11.06 -7.39 2.21
C ASP A 251 -10.27 -6.39 3.04
N PHE A 252 -9.13 -5.94 2.50
CA PHE A 252 -8.30 -4.98 3.21
C PHE A 252 -9.06 -3.69 3.44
N GLN A 253 -9.75 -3.21 2.40
CA GLN A 253 -10.60 -2.04 2.55
C GLN A 253 -11.67 -2.24 3.62
N ASN A 254 -12.27 -3.45 3.69
CA ASN A 254 -13.25 -3.72 4.75
C ASN A 254 -12.62 -3.57 6.13
N LYS A 255 -11.42 -4.14 6.31
CA LYS A 255 -10.80 -4.09 7.63
C LYS A 255 -10.15 -2.75 7.92
N HIS A 256 -10.10 -1.83 6.94
CA HIS A 256 -9.60 -0.46 7.14
C HIS A 256 -10.65 0.56 6.68
N PRO A 257 -11.80 0.59 7.34
CA PRO A 257 -12.87 1.47 6.86
C PRO A 257 -12.56 2.94 7.10
N ASN A 258 -13.13 3.78 6.26
CA ASN A 258 -12.93 5.22 6.34
C ASN A 258 -14.17 5.84 6.99
N MET A 259 -13.95 6.88 7.78
CA MET A 259 -14.95 7.34 8.72
C MET A 259 -15.71 8.51 8.12
N CYS A 260 -17.04 8.38 8.00
CA CYS A 260 -17.90 9.47 7.55
C CYS A 260 -19.32 9.32 8.06
N ARG A 261 -20.04 10.44 8.05
CA ARG A 261 -21.34 10.52 8.68
C ARG A 261 -22.44 9.90 7.83
N LEU A 262 -22.56 10.27 6.54
CA LEU A 262 -23.66 9.77 5.70
C LEU A 262 -23.48 8.30 5.30
N SER A 263 -23.47 7.40 6.28
CA SER A 263 -23.47 5.96 6.05
C SER A 263 -24.03 5.25 7.29
N PRO A 264 -25.00 4.33 7.12
CA PRO A 264 -25.67 3.75 8.31
C PRO A 264 -24.77 2.91 9.21
N ASP A 265 -23.49 3.27 9.35
CA ASP A 265 -22.61 2.57 10.28
C ASP A 265 -21.60 3.45 11.00
N GLY A 266 -21.39 4.69 10.57
CA GLY A 266 -20.28 5.49 11.04
C GLY A 266 -19.08 5.48 10.10
N HIS A 267 -19.12 4.65 9.06
CA HIS A 267 -18.03 4.54 8.11
C HIS A 267 -18.60 4.31 6.72
N PHE A 268 -17.96 4.92 5.72
CA PHE A 268 -18.30 4.73 4.32
C PHE A 268 -16.99 4.55 3.57
N GLY A 269 -16.85 3.44 2.88
CA GLY A 269 -15.63 3.26 2.11
C GLY A 269 -14.36 2.96 2.91
N SER A 270 -13.24 3.05 2.18
CA SER A 270 -11.91 2.79 2.72
C SER A 270 -10.89 3.65 1.99
N LYS A 271 -9.85 4.04 2.71
CA LYS A 271 -8.74 4.77 2.12
C LYS A 271 -7.52 3.85 1.91
N PHE A 272 -7.71 2.53 1.99
CA PHE A 272 -6.62 1.54 1.88
C PHE A 272 -6.35 1.25 0.41
N VAL A 273 -5.15 1.55 -0.06
CA VAL A 273 -4.85 1.46 -1.48
C VAL A 273 -4.04 0.21 -1.78
N THR A 274 -4.06 -0.18 -3.05
CA THR A 274 -3.31 -1.31 -3.56
C THR A 274 -2.29 -0.81 -4.59
N ALA A 275 -1.01 -1.03 -4.30
CA ALA A 275 0.06 -0.70 -5.24
C ALA A 275 0.51 -1.97 -5.95
N VAL A 276 0.85 -1.88 -7.22
CA VAL A 276 1.28 -3.04 -8.01
C VAL A 276 2.58 -2.73 -8.73
N ALA A 277 3.65 -3.47 -8.40
CA ALA A 277 4.92 -3.37 -9.12
C ALA A 277 4.99 -4.43 -10.22
N THR A 278 4.85 -4.02 -11.47
CA THR A 278 4.94 -4.91 -12.62
C THR A 278 5.69 -4.21 -13.74
N GLY A 279 5.90 -4.94 -14.83
CA GLY A 279 6.45 -4.34 -16.02
C GLY A 279 5.44 -3.42 -16.67
N GLY A 280 5.92 -2.26 -17.09
CA GLY A 280 5.14 -1.37 -17.91
C GLY A 280 5.44 -1.53 -19.38
N PRO A 281 4.87 -0.65 -20.21
CA PRO A 281 5.03 -0.78 -21.67
C PRO A 281 6.47 -0.70 -22.16
N ASP A 282 7.37 -0.06 -21.42
CA ASP A 282 8.77 -0.06 -21.81
C ASP A 282 9.52 -1.27 -21.26
N ASN A 283 8.82 -2.23 -20.65
CA ASN A 283 9.44 -3.37 -20.00
C ASN A 283 10.42 -2.96 -18.90
N GLN A 284 10.30 -1.75 -18.37
CA GLN A 284 10.89 -1.41 -17.08
C GLN A 284 9.83 -1.59 -15.99
N VAL A 285 10.26 -1.50 -14.75
CA VAL A 285 9.33 -1.58 -13.63
C VAL A 285 8.60 -0.26 -13.48
N HIS A 286 7.28 -0.31 -13.34
CA HIS A 286 6.47 0.84 -12.98
C HIS A 286 5.56 0.49 -11.80
N PHE A 287 5.03 1.52 -11.14
CA PHE A 287 4.18 1.38 -9.96
C PHE A 287 2.78 1.87 -10.30
N GLU A 288 1.77 1.03 -10.06
CA GLU A 288 0.42 1.47 -10.35
C GLU A 288 -0.44 1.33 -9.09
N GLY A 289 -1.47 2.18 -9.03
CA GLY A 289 -2.28 2.31 -7.84
C GLY A 289 -3.74 2.00 -8.09
N TYR A 290 -4.34 1.22 -7.20
CA TYR A 290 -5.73 0.86 -7.34
C TYR A 290 -6.37 0.82 -5.96
N GLN A 291 -7.65 1.11 -5.94
CA GLN A 291 -8.56 0.68 -4.90
C GLN A 291 -9.65 -0.13 -5.59
N VAL A 292 -10.50 -0.75 -4.79
CA VAL A 292 -11.56 -1.55 -5.36
C VAL A 292 -12.87 -0.88 -5.00
N SER A 293 -13.88 -1.03 -5.85
CA SER A 293 -15.11 -0.28 -5.64
C SER A 293 -15.77 -0.64 -4.32
N ASN A 294 -16.52 0.33 -3.78
CA ASN A 294 -17.34 0.15 -2.60
C ASN A 294 -18.47 -0.84 -2.80
N GLN A 295 -18.90 -1.06 -4.03
CA GLN A 295 -19.72 -2.24 -4.26
C GLN A 295 -18.89 -3.48 -4.02
N CYS A 296 -17.76 -3.60 -4.74
CA CYS A 296 -16.87 -4.75 -4.59
C CYS A 296 -16.55 -5.03 -3.14
N MET A 297 -16.35 -3.98 -2.35
CA MET A 297 -16.19 -4.15 -0.91
C MET A 297 -17.29 -5.03 -0.35
N ALA A 298 -18.54 -4.73 -0.71
CA ALA A 298 -19.67 -5.43 -0.13
C ALA A 298 -19.69 -6.90 -0.53
N LEU A 299 -19.47 -7.20 -1.83
CA LEU A 299 -19.59 -8.60 -2.23
C LEU A 299 -18.55 -9.50 -1.55
N VAL A 300 -17.36 -8.98 -1.27
CA VAL A 300 -16.42 -9.83 -0.57
C VAL A 300 -16.71 -9.85 0.92
N ARG A 301 -17.18 -8.73 1.50
CA ARG A 301 -17.50 -8.70 2.92
C ARG A 301 -18.49 -9.78 3.30
N ASP A 302 -19.49 -10.03 2.45
CA ASP A 302 -20.41 -11.14 2.67
C ASP A 302 -20.04 -12.37 1.83
N GLU A 303 -18.78 -12.45 1.38
CA GLU A 303 -18.22 -13.63 0.71
C GLU A 303 -19.06 -14.10 -0.48
N CYS A 304 -19.57 -13.15 -1.26
CA CYS A 304 -20.39 -13.48 -2.42
C CYS A 304 -19.59 -13.53 -3.72
N LEU A 305 -18.31 -13.20 -3.68
CA LEU A 305 -17.47 -13.03 -4.85
C LEU A 305 -16.33 -14.05 -4.84
N LEU A 306 -16.18 -14.79 -5.93
CA LEU A 306 -15.14 -15.78 -6.13
C LEU A 306 -14.25 -15.42 -7.31
N PRO A 307 -12.99 -15.88 -7.32
CA PRO A 307 -12.16 -15.69 -8.51
C PRO A 307 -12.38 -16.82 -9.49
N CYS A 308 -11.57 -16.90 -10.52
CA CYS A 308 -11.71 -17.92 -11.55
C CYS A 308 -10.36 -18.61 -11.75
N LYS A 309 -10.42 -19.93 -11.94
CA LYS A 309 -9.22 -20.75 -11.98
C LYS A 309 -8.41 -20.52 -13.25
N ASP A 310 -9.08 -20.36 -14.39
CA ASP A 310 -8.40 -20.30 -15.69
C ASP A 310 -7.95 -18.90 -16.05
N ALA A 311 -8.77 -17.89 -15.75
CA ALA A 311 -8.58 -16.55 -16.29
C ALA A 311 -8.50 -15.53 -15.17
N PRO A 312 -7.43 -14.72 -15.12
CA PRO A 312 -7.28 -13.77 -14.01
C PRO A 312 -8.18 -12.56 -14.11
N GLU A 313 -8.73 -12.27 -15.31
CA GLU A 313 -9.52 -11.07 -15.52
C GLU A 313 -10.99 -11.24 -15.17
N LEU A 314 -11.38 -12.39 -14.61
CA LEU A 314 -12.79 -12.70 -14.41
C LEU A 314 -13.06 -13.06 -12.95
N GLY A 315 -14.02 -12.37 -12.34
CA GLY A 315 -14.58 -12.76 -11.07
C GLY A 315 -15.76 -13.70 -11.28
N TYR A 316 -16.57 -13.86 -10.22
CA TYR A 316 -17.72 -14.76 -10.27
C TYR A 316 -18.63 -14.60 -9.07
N ALA A 317 -19.93 -14.46 -9.29
CA ALA A 317 -20.90 -14.30 -8.21
C ALA A 317 -21.52 -15.65 -7.87
N LYS A 318 -21.59 -15.96 -6.57
CA LYS A 318 -22.00 -17.28 -6.10
C LYS A 318 -23.50 -17.32 -5.82
N GLU A 319 -23.98 -18.44 -5.28
CA GLU A 319 -25.41 -18.71 -5.09
C GLU A 319 -25.76 -19.21 -3.68
N VAL A 326 -28.10 -17.18 -1.80
CA VAL A 326 -27.48 -15.89 -1.55
C VAL A 326 -27.62 -15.04 -2.84
N PRO A 327 -27.37 -13.69 -2.78
CA PRO A 327 -28.09 -12.77 -3.69
C PRO A 327 -27.77 -12.90 -5.18
N ASP A 328 -28.29 -11.94 -5.95
CA ASP A 328 -28.20 -11.96 -7.41
C ASP A 328 -27.76 -10.59 -7.90
N VAL A 329 -26.58 -10.53 -8.53
CA VAL A 329 -26.01 -9.30 -9.06
C VAL A 329 -25.52 -9.55 -10.48
N PHE A 330 -25.27 -8.46 -11.21
CA PHE A 330 -24.64 -8.52 -12.52
C PHE A 330 -24.21 -7.10 -12.93
N TYR A 331 -23.73 -6.96 -14.16
CA TYR A 331 -23.05 -5.76 -14.63
C TYR A 331 -23.69 -5.24 -15.91
N LYS A 332 -23.26 -4.05 -16.33
CA LYS A 332 -23.78 -3.39 -17.54
C LYS A 332 -22.64 -3.14 -18.53
N ASP A 333 -22.54 -3.97 -19.56
CA ASP A 333 -21.59 -3.76 -20.64
C ASP A 333 -22.24 -2.93 -21.73
N VAL A 334 -21.63 -2.91 -22.91
CA VAL A 334 -22.19 -2.31 -24.12
C VAL A 334 -21.66 -3.14 -25.29
N ASP A 335 -22.57 -3.58 -26.17
CA ASP A 335 -22.16 -4.47 -27.24
C ASP A 335 -21.79 -3.68 -28.49
N LYS A 336 -21.85 -4.34 -29.65
CA LYS A 336 -21.14 -3.89 -30.83
C LYS A 336 -21.99 -3.05 -31.78
N PHE A 337 -23.25 -2.72 -31.42
CA PHE A 337 -23.88 -1.50 -31.94
C PHE A 337 -24.27 -0.54 -30.81
N GLY A 338 -23.62 -0.65 -29.66
CA GLY A 338 -23.49 0.47 -28.74
C GLY A 338 -24.65 0.82 -27.82
N ASN A 339 -25.35 -0.18 -27.29
CA ASN A 339 -26.47 0.09 -26.40
C ASN A 339 -26.23 -0.57 -25.04
N GLU A 340 -26.98 -0.08 -24.05
CA GLU A 340 -26.89 -0.59 -22.69
C GLU A 340 -27.29 -2.06 -22.64
N ILE A 341 -26.62 -2.82 -21.78
CA ILE A 341 -26.82 -4.26 -21.67
C ILE A 341 -26.66 -4.67 -20.21
N THR A 342 -27.10 -5.89 -19.91
CA THR A 342 -27.09 -6.42 -18.55
C THR A 342 -27.02 -7.93 -18.61
N GLN A 343 -25.99 -8.51 -18.00
CA GLN A 343 -25.80 -9.95 -18.06
C GLN A 343 -25.30 -10.49 -16.73
N LEU A 344 -25.81 -11.68 -16.37
CA LEU A 344 -25.31 -12.50 -15.27
C LEU A 344 -23.80 -12.38 -15.10
N ALA A 345 -23.38 -12.16 -13.86
CA ALA A 345 -21.95 -12.11 -13.52
C ALA A 345 -21.41 -13.54 -13.39
N ARG A 346 -21.24 -14.17 -14.55
CA ARG A 346 -20.78 -15.56 -14.63
C ARG A 346 -19.90 -15.73 -15.86
N PRO A 347 -18.78 -15.01 -15.94
CA PRO A 347 -18.06 -14.31 -14.87
C PRO A 347 -18.39 -12.83 -14.69
N LEU A 348 -17.54 -12.18 -13.90
CA LEU A 348 -17.60 -10.75 -13.64
C LEU A 348 -16.32 -10.15 -14.16
N PRO A 349 -16.33 -9.39 -15.26
CA PRO A 349 -15.10 -8.76 -15.73
C PRO A 349 -14.53 -7.83 -14.67
N VAL A 350 -13.26 -8.03 -14.32
CA VAL A 350 -12.67 -7.29 -13.21
C VAL A 350 -12.72 -5.78 -13.43
N GLU A 351 -12.78 -5.33 -14.69
CA GLU A 351 -12.75 -3.90 -14.97
C GLU A 351 -13.85 -3.14 -14.24
N TYR A 352 -14.97 -3.80 -13.94
CA TYR A 352 -16.08 -3.14 -13.23
C TYR A 352 -15.78 -2.91 -11.76
N LEU A 353 -14.85 -3.67 -11.18
CA LEU A 353 -14.55 -3.58 -9.75
C LEU A 353 -13.41 -2.63 -9.44
N ILE A 354 -12.62 -2.24 -10.45
CA ILE A 354 -11.32 -1.61 -10.24
C ILE A 354 -11.45 -0.09 -10.26
N ILE A 355 -10.81 0.57 -9.28
CA ILE A 355 -10.75 2.02 -9.19
C ILE A 355 -9.29 2.43 -9.37
N ASP A 356 -9.01 3.21 -10.42
CA ASP A 356 -7.65 3.61 -10.71
C ASP A 356 -7.22 4.79 -9.84
N ILE A 357 -6.10 4.65 -9.16
CA ILE A 357 -5.46 5.76 -8.46
C ILE A 357 -4.12 6.03 -9.14
N THR A 358 -3.76 7.32 -9.22
CA THR A 358 -2.51 7.65 -9.88
C THR A 358 -1.37 7.52 -8.88
N THR A 359 -0.16 7.35 -9.43
CA THR A 359 1.03 6.99 -8.68
C THR A 359 2.16 7.97 -9.00
N THR A 360 2.86 8.45 -7.97
CA THR A 360 3.72 9.61 -8.14
C THR A 360 5.03 9.44 -7.40
N PHE A 361 6.12 9.82 -8.06
CA PHE A 361 7.37 10.09 -7.37
C PHE A 361 7.61 11.60 -7.41
N PRO A 362 7.72 12.27 -6.27
CA PRO A 362 7.68 13.73 -6.27
C PRO A 362 9.02 14.33 -6.69
N LYS A 363 8.94 15.50 -7.31
CA LYS A 363 10.18 16.14 -7.77
C LYS A 363 10.94 16.77 -6.62
N ASP A 364 10.23 17.22 -5.58
CA ASP A 364 10.83 17.62 -4.31
C ASP A 364 10.69 16.45 -3.34
N PRO A 365 11.67 15.57 -3.26
CA PRO A 365 11.50 14.36 -2.45
C PRO A 365 11.38 14.68 -0.97
N VAL A 366 10.83 13.71 -0.23
CA VAL A 366 10.47 13.85 1.17
C VAL A 366 11.21 12.77 1.96
N TYR A 367 11.77 13.15 3.12
CA TYR A 367 12.66 12.26 3.90
C TYR A 367 12.20 12.19 5.36
N THR A 368 11.01 11.62 5.57
CA THR A 368 10.63 11.29 6.95
C THR A 368 11.71 10.46 7.61
N PHE A 369 12.17 9.43 6.92
CA PHE A 369 13.26 8.59 7.39
C PHE A 369 14.54 8.94 6.61
N SER A 370 15.68 8.69 7.24
CA SER A 370 16.94 9.05 6.64
C SER A 370 17.35 8.00 5.62
N ILE A 371 18.13 8.45 4.62
CA ILE A 371 18.69 7.60 3.58
C ILE A 371 20.17 7.42 3.85
N SER A 372 20.55 6.26 4.37
CA SER A 372 21.95 5.91 4.47
C SER A 372 22.46 5.35 3.15
N GLN A 373 23.74 5.60 2.86
CA GLN A 373 24.36 4.93 1.72
C GLN A 373 24.41 3.42 1.94
N ASN A 374 24.60 2.98 3.19
CA ASN A 374 24.60 1.57 3.56
C ASN A 374 23.54 1.35 4.63
N PRO A 375 22.27 1.20 4.25
CA PRO A 375 21.20 1.17 5.24
C PRO A 375 21.26 -0.05 6.17
N PHE A 376 20.66 0.13 7.34
CA PHE A 376 20.33 -0.99 8.19
C PHE A 376 19.39 -1.96 7.46
N PRO A 377 19.50 -3.26 7.70
CA PRO A 377 18.70 -4.23 6.93
C PRO A 377 17.19 -4.14 7.16
N ILE A 378 16.43 -4.27 6.06
CA ILE A 378 14.97 -4.45 6.11
C ILE A 378 14.65 -5.77 6.84
N GLU A 379 13.52 -5.78 7.55
CA GLU A 379 13.13 -6.95 8.35
C GLU A 379 12.72 -8.14 7.46
N ASN A 380 12.69 -9.32 8.10
CA ASN A 380 12.23 -10.60 7.52
C ASN A 380 12.94 -10.96 6.23
N ARG A 381 14.22 -10.67 6.14
CA ARG A 381 14.93 -11.02 4.90
C ARG A 381 15.85 -12.21 5.11
N ASP A 382 15.37 -13.20 5.89
CA ASP A 382 16.03 -14.48 6.08
C ASP A 382 16.46 -15.07 4.74
N VAL A 383 15.51 -15.16 3.81
CA VAL A 383 15.63 -16.04 2.65
C VAL A 383 16.69 -15.52 1.69
N LEU A 384 17.24 -14.35 1.97
CA LEU A 384 18.33 -13.84 1.15
C LEU A 384 19.52 -13.37 1.99
N GLY A 385 19.64 -13.83 3.23
CA GLY A 385 20.83 -13.54 4.00
C GLY A 385 21.05 -12.09 4.39
N GLU A 386 19.99 -11.30 4.50
CA GLU A 386 20.01 -10.04 5.23
C GLU A 386 19.33 -10.24 6.57
N THR A 387 20.07 -10.06 7.66
CA THR A 387 19.47 -10.32 8.96
C THR A 387 19.65 -9.13 9.89
N GLN A 388 18.58 -8.83 10.61
CA GLN A 388 18.64 -7.83 11.64
C GLN A 388 19.15 -8.52 12.88
N ASP A 389 20.33 -8.13 13.33
CA ASP A 389 20.84 -8.63 14.59
C ASP A 389 21.85 -7.64 15.11
N PHE A 390 22.46 -7.98 16.24
CA PHE A 390 23.36 -7.01 16.83
C PHE A 390 24.69 -6.95 16.10
N HIS A 391 24.95 -7.91 15.21
CA HIS A 391 26.10 -7.79 14.32
C HIS A 391 25.86 -6.72 13.26
N SER A 392 24.71 -6.75 12.59
CA SER A 392 24.46 -5.71 11.58
C SER A 392 24.28 -4.34 12.23
N LEU A 393 23.70 -4.28 13.44
CA LEU A 393 23.61 -3.00 14.11
C LEU A 393 24.98 -2.50 14.56
N ALA A 394 25.85 -3.40 15.03
CA ALA A 394 27.22 -3.00 15.32
C ALA A 394 27.90 -2.41 14.10
N THR A 395 27.80 -3.12 12.96
CA THR A 395 28.33 -2.64 11.70
C THR A 395 27.72 -1.29 11.33
N TYR A 396 26.38 -1.25 11.21
CA TYR A 396 25.67 -0.03 10.89
C TYR A 396 26.11 1.12 11.80
N LEU A 397 26.10 0.90 13.11
CA LEU A 397 26.45 2.00 14.01
C LEU A 397 27.87 2.45 13.80
N SER A 398 28.77 1.54 13.45
CA SER A 398 30.16 1.95 13.33
C SER A 398 30.41 2.71 12.03
N GLN A 399 29.64 2.43 10.97
CA GLN A 399 29.73 3.24 9.76
C GLN A 399 29.21 4.67 9.96
N ASN A 400 28.43 4.95 11.01
CA ASN A 400 27.85 6.27 11.18
C ASN A 400 28.35 7.02 12.42
N THR A 401 29.58 6.75 12.87
CA THR A 401 30.07 7.47 14.04
C THR A 401 30.10 8.99 13.80
N SER A 402 30.39 9.41 12.57
CA SER A 402 30.48 10.84 12.25
C SER A 402 29.13 11.44 11.84
N SER A 403 28.13 10.62 11.61
CA SER A 403 26.82 11.09 11.20
C SER A 403 26.06 11.67 12.40
N VAL A 404 25.15 12.61 12.13
CA VAL A 404 24.28 13.12 13.19
C VAL A 404 23.42 11.98 13.71
N PHE A 405 23.32 11.86 15.03
CA PHE A 405 22.68 10.67 15.59
C PHE A 405 21.24 10.54 15.12
N LEU A 406 20.52 11.66 15.02
CA LEU A 406 19.13 11.63 14.58
C LEU A 406 18.99 11.06 13.17
N ASP A 407 19.91 11.43 12.28
CA ASP A 407 19.90 10.82 10.96
C ASP A 407 20.18 9.32 11.04
N THR A 408 21.11 8.91 11.91
CA THR A 408 21.46 7.50 12.00
C THR A 408 20.26 6.67 12.42
N ILE A 409 19.50 7.17 13.40
CA ILE A 409 18.43 6.41 14.05
C ILE A 409 17.08 6.58 13.37
N SER A 410 16.90 7.59 12.51
CA SER A 410 15.65 7.85 11.82
C SER A 410 15.45 6.85 10.68
N ASP A 411 15.25 5.59 11.06
CA ASP A 411 15.01 4.54 10.09
C ASP A 411 13.94 3.63 10.66
N PHE A 412 12.82 3.50 9.93
CA PHE A 412 11.69 2.70 10.39
C PHE A 412 12.11 1.26 10.68
N HIS A 413 13.02 0.71 9.86
CA HIS A 413 13.32 -0.71 10.03
C HIS A 413 14.26 -0.94 11.22
N LEU A 414 15.24 -0.06 11.40
CA LEU A 414 16.04 -0.04 12.61
C LEU A 414 15.16 0.05 13.84
N LEU A 415 14.13 0.91 13.78
CA LEU A 415 13.34 1.18 14.97
C LEU A 415 12.52 -0.04 15.38
N LEU A 416 11.85 -0.70 14.41
CA LEU A 416 11.15 -1.93 14.75
C LEU A 416 12.09 -2.92 15.44
N PHE A 417 13.29 -3.10 14.88
CA PHE A 417 14.25 -4.02 15.48
C PHE A 417 14.64 -3.57 16.87
N LEU A 418 14.93 -2.28 17.02
CA LEU A 418 15.32 -1.78 18.33
C LEU A 418 14.22 -2.01 19.37
N VAL A 419 12.97 -2.05 18.94
CA VAL A 419 11.87 -2.19 19.89
C VAL A 419 11.49 -3.65 20.14
N THR A 420 11.65 -4.52 19.14
CA THR A 420 11.09 -5.87 19.20
C THR A 420 12.12 -6.98 19.13
N ASN A 421 13.42 -6.68 19.19
CA ASN A 421 14.40 -7.76 19.21
C ASN A 421 14.34 -8.48 20.54
N GLU A 422 14.82 -9.72 20.55
CA GLU A 422 14.69 -10.59 21.71
C GLU A 422 15.97 -10.67 22.55
N VAL A 423 16.88 -9.72 22.39
CA VAL A 423 18.10 -9.66 23.20
C VAL A 423 18.04 -8.50 24.17
N MET A 424 17.89 -7.28 23.65
CA MET A 424 17.83 -6.08 24.48
C MET A 424 16.73 -5.20 23.88
N PRO A 425 15.47 -5.60 24.00
CA PRO A 425 14.40 -4.80 23.41
C PRO A 425 14.25 -3.49 24.16
N LEU A 426 13.79 -2.47 23.43
CA LEU A 426 13.67 -1.12 23.97
C LEU A 426 12.21 -0.64 24.02
N GLN A 427 11.24 -1.56 24.12
CA GLN A 427 9.84 -1.14 24.11
C GLN A 427 9.47 -0.29 25.31
N ASP A 428 10.27 -0.33 26.38
CA ASP A 428 9.93 0.41 27.60
C ASP A 428 10.28 1.89 27.48
N SER A 429 11.42 2.23 26.86
CA SER A 429 11.88 3.62 26.79
C SER A 429 11.99 4.11 25.35
N ILE A 430 11.07 3.68 24.48
CA ILE A 430 11.13 4.11 23.08
C ILE A 430 10.52 5.50 22.89
N SER A 431 9.36 5.75 23.51
CA SER A 431 8.50 6.90 23.23
C SER A 431 9.24 8.19 22.94
N LEU A 432 10.26 8.48 23.76
CA LEU A 432 10.99 9.74 23.65
C LEU A 432 11.74 9.81 22.34
N LEU A 433 12.43 8.72 21.99
CA LEU A 433 13.14 8.66 20.72
C LEU A 433 12.19 8.75 19.55
N LEU A 434 11.13 7.96 19.55
CA LEU A 434 10.19 7.98 18.44
C LEU A 434 9.59 9.36 18.25
N GLU A 435 9.42 10.10 19.34
CA GLU A 435 9.01 11.49 19.25
C GLU A 435 10.12 12.35 18.64
N ALA A 436 11.39 12.02 18.95
CA ALA A 436 12.50 12.78 18.37
C ALA A 436 12.64 12.51 16.88
N VAL A 437 12.35 11.27 16.45
CA VAL A 437 12.36 10.97 15.03
C VAL A 437 11.19 11.64 14.33
N ARG A 438 10.00 11.58 14.94
CA ARG A 438 8.80 12.07 14.26
C ARG A 438 8.86 13.59 14.06
N THR A 439 9.39 14.33 15.04
CA THR A 439 9.53 15.78 14.94
C THR A 439 10.89 16.21 14.43
N ARG A 440 11.77 15.27 14.06
CA ARG A 440 13.11 15.58 13.57
C ARG A 440 13.86 16.49 14.54
N ASN A 441 13.85 16.10 15.81
CA ASN A 441 14.41 16.88 16.91
C ASN A 441 15.78 16.33 17.26
N GLU A 442 16.84 17.12 17.03
CA GLU A 442 18.19 16.64 17.25
C GLU A 442 18.57 16.66 18.72
N GLU A 443 18.35 17.80 19.38
CA GLU A 443 18.69 17.87 20.80
C GLU A 443 17.96 16.80 21.61
N LEU A 444 16.74 16.46 21.19
CA LEU A 444 15.97 15.45 21.94
C LEU A 444 16.56 14.07 21.71
N ALA A 445 16.89 13.75 20.46
CA ALA A 445 17.56 12.48 20.15
C ALA A 445 18.90 12.39 20.83
N GLN A 446 19.64 13.50 20.90
CA GLN A 446 20.97 13.46 21.49
C GLN A 446 20.90 13.11 22.97
N THR A 447 19.91 13.65 23.70
CA THR A 447 19.79 13.27 25.11
C THR A 447 19.41 11.80 25.25
N TRP A 448 18.55 11.29 24.36
CA TRP A 448 18.23 9.86 24.40
C TRP A 448 19.44 9.00 24.11
N LYS A 449 20.40 9.48 23.32
CA LYS A 449 21.62 8.72 23.07
C LYS A 449 22.40 8.51 24.36
N ARG A 450 22.20 9.40 25.33
CA ARG A 450 22.77 9.27 26.66
C ARG A 450 21.90 8.43 27.59
N SER A 451 20.79 7.88 27.09
CA SER A 451 20.01 6.96 27.91
C SER A 451 20.89 5.83 28.44
N GLU A 452 20.45 5.24 29.55
CA GLU A 452 21.14 4.06 30.05
C GLU A 452 20.97 2.89 29.09
N GLN A 453 19.79 2.72 28.53
CA GLN A 453 19.52 1.56 27.69
C GLN A 453 20.23 1.65 26.35
N TRP A 454 20.55 2.86 25.88
CA TRP A 454 21.38 2.98 24.68
C TRP A 454 22.85 2.74 24.99
N ALA A 455 23.31 3.14 26.18
CA ALA A 455 24.70 2.89 26.56
C ALA A 455 24.98 1.39 26.63
N THR A 456 24.02 0.60 27.10
CA THR A 456 24.28 -0.82 27.17
C THR A 456 24.06 -1.48 25.82
N ILE A 457 23.19 -0.91 24.98
CA ILE A 457 23.17 -1.26 23.56
C ILE A 457 24.54 -1.06 22.95
N GLU A 458 25.20 0.07 23.26
CA GLU A 458 26.53 0.32 22.71
C GLU A 458 27.57 -0.57 23.36
N GLN A 459 27.42 -0.85 24.65
CA GLN A 459 28.30 -1.84 25.26
C GLN A 459 28.14 -3.20 24.58
N LEU A 460 26.94 -3.55 24.13
CA LEU A 460 26.76 -4.84 23.47
C LEU A 460 27.42 -4.85 22.10
N CYS A 461 27.21 -3.78 21.33
CA CYS A 461 27.77 -3.69 19.98
C CYS A 461 29.29 -3.74 20.02
N SER A 462 29.91 -3.14 21.04
CA SER A 462 31.37 -3.04 21.02
C SER A 462 32.05 -4.36 21.25
N THR A 463 31.32 -5.39 21.69
CA THR A 463 31.87 -6.73 21.84
C THR A 463 31.75 -7.55 20.55
N VAL A 464 31.20 -6.98 19.49
CA VAL A 464 31.25 -7.62 18.18
C VAL A 464 32.63 -7.40 17.59
N GLY A 465 33.18 -8.45 16.97
CA GLY A 465 34.46 -8.34 16.29
C GLY A 465 34.34 -8.48 14.77
N ILE B 1 -14.20 -18.12 -17.04
CA ILE B 1 -14.92 -19.37 -17.27
C ILE B 1 -14.89 -20.17 -15.91
N PRO B 2 -14.19 -21.31 -15.72
CA PRO B 2 -14.33 -21.99 -14.42
C PRO B 2 -13.83 -21.13 -13.28
N ASN B 3 -14.36 -21.39 -12.09
CA ASN B 3 -14.20 -20.50 -10.95
C ASN B 3 -13.44 -21.15 -9.81
N TYR B 4 -14.03 -22.11 -9.10
CA TYR B 4 -13.57 -22.39 -7.73
C TYR B 4 -12.08 -22.62 -7.68
N GLU B 5 -11.40 -21.70 -7.01
CA GLU B 5 -10.05 -21.89 -6.51
C GLU B 5 -9.77 -20.73 -5.57
N PHE B 6 -10.26 -20.80 -4.32
CA PHE B 6 -9.92 -19.71 -3.43
C PHE B 6 -9.99 -20.07 -1.96
N LYS B 7 -8.94 -19.66 -1.26
CA LYS B 7 -8.90 -19.36 0.16
C LYS B 7 -8.14 -18.05 0.31
N LEU B 8 -8.66 -17.16 1.14
CA LEU B 8 -8.08 -15.85 1.40
C LEU B 8 -6.71 -15.96 2.07
N GLY B 9 -5.89 -14.92 1.87
CA GLY B 9 -4.52 -14.90 2.34
C GLY B 9 -3.50 -15.49 1.38
N LYS B 10 -3.93 -15.96 0.21
CA LYS B 10 -3.06 -16.64 -0.74
C LYS B 10 -3.40 -16.16 -2.14
N ILE B 11 -2.49 -15.42 -2.78
CA ILE B 11 -2.64 -14.96 -4.15
C ILE B 11 -1.85 -15.87 -5.08
N THR B 12 -2.46 -16.24 -6.20
CA THR B 12 -1.78 -16.93 -7.29
C THR B 12 -1.77 -16.05 -8.53
N PHE B 13 -0.63 -16.08 -9.23
CA PHE B 13 -0.43 -15.30 -10.45
C PHE B 13 -0.55 -16.25 -11.65
N ILE B 14 -1.69 -16.20 -12.34
CA ILE B 14 -1.93 -17.07 -13.49
C ILE B 14 -1.08 -16.60 -14.66
N ARG B 15 -0.20 -17.47 -15.15
CA ARG B 15 0.82 -17.07 -16.12
C ARG B 15 0.39 -17.30 -17.57
N ASN B 16 0.04 -18.54 -17.92
CA ASN B 16 -0.40 -18.85 -19.28
C ASN B 16 -1.90 -18.59 -19.44
#